data_2OF4
#
_entry.id   2OF4
#
_cell.length_a   42.100
_cell.length_b   73.600
_cell.length_c   91.900
_cell.angle_alpha   90.00
_cell.angle_beta   90.00
_cell.angle_gamma   90.00
#
_symmetry.space_group_name_H-M   'P 21 21 21'
#
loop_
_entity.id
_entity.type
_entity.pdbx_description
1 polymer 'Proto-oncogene tyrosine-protein kinase LCK'
2 non-polymer 5,6-DIPHENYL-N-(2-PIPERAZIN-1-YLETHYL)FURO[2,3-D]PYRIMIDIN-4-AMINE
3 water water
#
_entity_poly.entity_id   1
_entity_poly.type   'polypeptide(L)'
_entity_poly.pdbx_seq_one_letter_code
;KPWWEDEWEVPRETLKLVERLGAGQFGEVWMGYYNGHTKVAVKSLKQGSMSPDAFLAEANLMKQLQHQRLVRLYAVVTQE
PIYIITEYMENGSLVDFLKTPSGIKLTINKLLDMAAQIAEGMAFIEERNYIHRDLRAANILVSDTLSCKIADFGLARLIE
DNEYTAREGAKFPIKWTAPEAINYGTFTIKSDVWSFGILLTEIVTHGRIPYPGMTNPEVIQNLERGYRMVRPDNCPEELY
QLMRLCWKERPEDRPTFDYLRSVLEDFFTAT
;
_entity_poly.pdbx_strand_id   A
#
loop_
_chem_comp.id
_chem_comp.type
_chem_comp.name
_chem_comp.formula
979 non-polymer 5,6-DIPHENYL-N-(2-PIPERAZIN-1-YLETHYL)FURO[2,3-D]PYRIMIDIN-4-AMINE 'C24 H25 N5 O'
#
# COMPACT_ATOMS: atom_id res chain seq x y z
N LYS A 1 -16.38 -14.59 -14.45
CA LYS A 1 -16.67 -15.90 -15.13
C LYS A 1 -16.75 -16.99 -14.09
N PRO A 2 -17.42 -18.11 -14.43
CA PRO A 2 -17.54 -19.23 -13.48
C PRO A 2 -16.17 -19.85 -13.22
N TRP A 3 -15.96 -20.36 -12.01
CA TRP A 3 -14.67 -20.94 -11.67
C TRP A 3 -14.18 -22.00 -12.65
N TRP A 4 -15.07 -22.74 -13.30
CA TRP A 4 -14.60 -23.76 -14.24
C TRP A 4 -14.22 -23.14 -15.56
N GLU A 5 -14.37 -21.83 -15.66
CA GLU A 5 -13.99 -21.12 -16.88
C GLU A 5 -12.98 -20.02 -16.55
N ASP A 6 -12.83 -19.73 -15.27
CA ASP A 6 -11.93 -18.69 -14.85
C ASP A 6 -10.45 -19.02 -14.99
N GLU A 7 -9.71 -18.13 -15.63
CA GLU A 7 -8.28 -18.34 -15.83
C GLU A 7 -7.48 -18.43 -14.52
N TRP A 8 -7.99 -17.82 -13.45
CA TRP A 8 -7.30 -17.78 -12.15
C TRP A 8 -7.57 -18.92 -11.17
N GLU A 9 -8.65 -19.65 -11.35
CA GLU A 9 -8.93 -20.77 -10.45
C GLU A 9 -7.90 -21.90 -10.68
N VAL A 10 -7.37 -22.42 -9.57
CA VAL A 10 -6.41 -23.51 -9.67
C VAL A 10 -6.72 -24.56 -8.63
N PRO A 11 -6.39 -25.83 -8.91
CA PRO A 11 -6.64 -26.92 -7.98
C PRO A 11 -5.78 -26.71 -6.73
N ARG A 12 -6.35 -26.92 -5.54
CA ARG A 12 -5.58 -26.69 -4.33
C ARG A 12 -4.34 -27.56 -4.27
N GLU A 13 -4.41 -28.71 -4.92
CA GLU A 13 -3.29 -29.62 -4.94
C GLU A 13 -2.04 -28.97 -5.55
N THR A 14 -2.19 -27.91 -6.32
CA THR A 14 -1.02 -27.31 -6.95
C THR A 14 -0.21 -26.49 -5.96
N LEU A 15 -0.72 -26.34 -4.75
CA LEU A 15 -0.05 -25.52 -3.76
C LEU A 15 0.51 -26.24 -2.54
N LYS A 16 1.69 -25.81 -2.12
CA LYS A 16 2.34 -26.37 -0.94
C LYS A 16 2.71 -25.18 -0.03
N LEU A 17 2.04 -25.08 1.11
CA LEU A 17 2.29 -24.01 2.07
C LEU A 17 3.51 -24.39 2.89
N VAL A 18 4.55 -23.56 2.82
CA VAL A 18 5.79 -23.86 3.52
C VAL A 18 6.08 -23.07 4.79
N GLU A 19 5.93 -21.74 4.75
CA GLU A 19 6.22 -20.90 5.91
C GLU A 19 5.15 -19.82 6.11
N ARG A 20 4.70 -19.65 7.36
CA ARG A 20 3.68 -18.65 7.66
C ARG A 20 4.34 -17.30 7.87
N LEU A 21 3.83 -16.32 7.12
CA LEU A 21 4.32 -14.94 7.16
C LEU A 21 3.53 -14.04 8.06
N GLY A 22 2.30 -14.45 8.36
CA GLY A 22 1.42 -13.66 9.20
C GLY A 22 0.18 -14.45 9.57
N ALA A 23 -0.34 -14.17 10.76
CA ALA A 23 -1.55 -14.82 11.19
C ALA A 23 -2.40 -13.73 11.80
N GLY A 24 -3.70 -13.76 11.51
CA GLY A 24 -4.58 -12.76 12.04
C GLY A 24 -6.01 -13.23 12.23
N GLN A 25 -6.82 -12.25 12.61
CA GLN A 25 -8.22 -12.44 12.89
C GLN A 25 -9.00 -13.01 11.71
N PHE A 26 -8.62 -12.60 10.51
CA PHE A 26 -9.30 -13.05 9.30
C PHE A 26 -8.63 -14.17 8.54
N GLY A 27 -7.48 -14.62 9.03
CA GLY A 27 -6.79 -15.68 8.35
C GLY A 27 -5.28 -15.58 8.43
N GLU A 28 -4.61 -16.34 7.57
CA GLU A 28 -3.17 -16.33 7.54
C GLU A 28 -2.57 -16.03 6.16
N VAL A 29 -1.28 -15.72 6.14
CA VAL A 29 -0.58 -15.49 4.88
C VAL A 29 0.66 -16.34 5.02
N TRP A 30 0.91 -17.15 3.98
CA TRP A 30 2.00 -18.08 3.92
C TRP A 30 2.90 -17.88 2.72
N MET A 31 4.08 -18.50 2.84
CA MET A 31 5.05 -18.51 1.78
C MET A 31 4.92 -19.96 1.32
N GLY A 32 4.74 -20.14 0.03
CA GLY A 32 4.60 -21.49 -0.49
C GLY A 32 5.07 -21.69 -1.91
N TYR A 33 4.79 -22.85 -2.48
CA TYR A 33 5.19 -23.15 -3.86
C TYR A 33 4.02 -23.60 -4.73
N TYR A 34 3.97 -23.07 -5.95
CA TYR A 34 2.94 -23.45 -6.91
C TYR A 34 3.62 -24.43 -7.84
N ASN A 35 2.97 -25.57 -8.07
CA ASN A 35 3.50 -26.61 -8.93
C ASN A 35 4.96 -26.92 -8.62
N GLY A 36 5.27 -26.96 -7.32
CA GLY A 36 6.61 -27.30 -6.89
C GLY A 36 7.76 -26.33 -7.05
N HIS A 37 7.83 -25.61 -8.16
CA HIS A 37 8.96 -24.71 -8.38
C HIS A 37 8.79 -23.19 -8.23
N THR A 38 7.56 -22.69 -8.32
CA THR A 38 7.31 -21.26 -8.23
C THR A 38 6.86 -20.73 -6.86
N LYS A 39 7.71 -19.91 -6.27
CA LYS A 39 7.45 -19.30 -4.98
C LYS A 39 6.25 -18.36 -5.06
N VAL A 40 5.34 -18.52 -4.10
CA VAL A 40 4.12 -17.71 -4.06
C VAL A 40 3.76 -17.30 -2.64
N ALA A 41 2.79 -16.40 -2.52
CA ALA A 41 2.28 -15.90 -1.24
C ALA A 41 0.84 -16.41 -1.23
N VAL A 42 0.42 -17.04 -0.13
CA VAL A 42 -0.92 -17.60 -0.09
C VAL A 42 -1.64 -17.03 1.10
N LYS A 43 -2.69 -16.30 0.76
CA LYS A 43 -3.57 -15.74 1.78
C LYS A 43 -4.77 -16.69 2.00
N SER A 44 -5.02 -17.14 3.24
CA SER A 44 -6.12 -18.08 3.48
C SER A 44 -7.11 -17.39 4.39
N LEU A 45 -8.39 -17.47 4.03
CA LEU A 45 -9.45 -16.86 4.80
C LEU A 45 -9.93 -17.80 5.90
N LYS A 46 -10.04 -17.23 7.09
CA LYS A 46 -10.50 -17.96 8.26
C LYS A 46 -12.01 -18.07 8.18
N GLN A 47 -12.50 -19.30 7.97
CA GLN A 47 -13.95 -19.48 7.80
C GLN A 47 -14.78 -18.87 8.92
N GLY A 48 -15.74 -18.02 8.54
CA GLY A 48 -16.65 -17.37 9.48
C GLY A 48 -16.08 -16.10 10.06
N SER A 49 -14.80 -15.82 9.84
CA SER A 49 -14.20 -14.59 10.37
C SER A 49 -14.71 -13.40 9.57
N MET A 50 -15.09 -13.65 8.32
CA MET A 50 -15.61 -12.60 7.46
C MET A 50 -16.21 -13.22 6.18
N SER A 51 -16.97 -12.42 5.43
CA SER A 51 -17.62 -12.90 4.22
C SER A 51 -16.64 -13.30 3.16
N PRO A 52 -16.85 -14.48 2.56
CA PRO A 52 -16.02 -15.04 1.51
C PRO A 52 -16.04 -14.12 0.30
N ASP A 53 -17.20 -13.52 0.07
CA ASP A 53 -17.37 -12.61 -1.05
C ASP A 53 -16.51 -11.38 -0.83
N ALA A 54 -16.49 -10.88 0.41
CA ALA A 54 -15.68 -9.70 0.76
C ALA A 54 -14.22 -10.03 0.54
N PHE A 55 -13.82 -11.22 0.97
CA PHE A 55 -12.45 -11.68 0.82
C PHE A 55 -12.06 -11.72 -0.66
N LEU A 56 -12.85 -12.44 -1.45
CA LEU A 56 -12.57 -12.58 -2.88
C LEU A 56 -12.69 -11.31 -3.71
N ALA A 57 -13.35 -10.30 -3.14
CA ALA A 57 -13.56 -9.04 -3.85
C ALA A 57 -12.24 -8.42 -4.20
N GLU A 58 -11.23 -8.62 -3.36
CA GLU A 58 -9.93 -8.04 -3.59
C GLU A 58 -9.25 -8.69 -4.75
N ALA A 59 -9.41 -9.99 -4.87
CA ALA A 59 -8.78 -10.73 -5.97
C ALA A 59 -9.35 -10.34 -7.32
N ASN A 60 -10.59 -9.83 -7.35
CA ASN A 60 -11.21 -9.46 -8.63
C ASN A 60 -10.83 -8.04 -8.98
N LEU A 61 -10.48 -7.24 -7.98
CA LEU A 61 -10.05 -5.90 -8.25
C LEU A 61 -8.64 -6.07 -8.86
N MET A 62 -7.90 -6.98 -8.27
CA MET A 62 -6.52 -7.26 -8.69
C MET A 62 -6.52 -7.76 -10.11
N LYS A 63 -7.59 -8.41 -10.56
CA LYS A 63 -7.58 -8.88 -11.95
C LYS A 63 -7.55 -7.69 -12.89
N GLN A 64 -8.13 -6.57 -12.45
CA GLN A 64 -8.19 -5.35 -13.25
C GLN A 64 -7.03 -4.39 -13.04
N LEU A 65 -6.14 -4.69 -12.12
CA LEU A 65 -5.01 -3.80 -11.90
C LEU A 65 -3.70 -4.56 -11.98
N GLN A 66 -3.26 -4.87 -13.19
CA GLN A 66 -2.02 -5.60 -13.36
C GLN A 66 -0.97 -4.62 -13.88
N HIS A 67 0.16 -4.56 -13.20
CA HIS A 67 1.26 -3.68 -13.58
C HIS A 67 2.49 -4.14 -12.83
N GLN A 68 3.68 -3.95 -13.40
CA GLN A 68 4.94 -4.39 -12.75
C GLN A 68 5.13 -3.82 -11.33
N ARG A 69 4.60 -2.64 -11.09
CA ARG A 69 4.76 -2.03 -9.78
C ARG A 69 3.71 -2.43 -8.74
N LEU A 70 2.79 -3.33 -9.10
CA LEU A 70 1.74 -3.77 -8.17
C LEU A 70 1.86 -5.26 -7.98
N VAL A 71 1.74 -5.73 -6.73
CA VAL A 71 1.82 -7.15 -6.45
C VAL A 71 0.81 -7.85 -7.35
N ARG A 72 1.27 -8.83 -8.14
CA ARG A 72 0.40 -9.51 -9.10
C ARG A 72 -0.44 -10.68 -8.61
N LEU A 73 -1.74 -10.68 -8.94
CA LEU A 73 -2.62 -11.80 -8.58
C LEU A 73 -2.16 -12.99 -9.40
N TYR A 74 -2.11 -14.11 -8.75
CA TYR A 74 -1.64 -15.27 -9.41
C TYR A 74 -2.78 -16.24 -9.67
N ALA A 75 -3.56 -16.55 -8.62
CA ALA A 75 -4.67 -17.47 -8.76
C ALA A 75 -5.55 -17.46 -7.55
N VAL A 76 -6.61 -18.25 -7.59
CA VAL A 76 -7.55 -18.34 -6.47
C VAL A 76 -8.09 -19.76 -6.36
N VAL A 77 -8.49 -20.12 -5.15
CA VAL A 77 -9.09 -21.41 -4.84
C VAL A 77 -10.35 -20.99 -4.12
N THR A 78 -11.46 -21.02 -4.84
CA THR A 78 -12.72 -20.56 -4.29
C THR A 78 -13.54 -21.55 -3.46
N GLN A 79 -12.89 -22.60 -2.96
CA GLN A 79 -13.55 -23.57 -2.10
C GLN A 79 -12.89 -23.41 -0.73
N GLU A 80 -13.68 -23.38 0.34
CA GLU A 80 -13.14 -23.19 1.68
C GLU A 80 -12.18 -24.28 2.11
N PRO A 81 -11.06 -23.89 2.74
CA PRO A 81 -10.70 -22.49 2.99
C PRO A 81 -10.26 -21.78 1.74
N ILE A 82 -10.85 -20.61 1.50
CA ILE A 82 -10.54 -19.79 0.34
C ILE A 82 -9.10 -19.27 0.34
N TYR A 83 -8.47 -19.31 -0.83
CA TYR A 83 -7.09 -18.83 -1.00
C TYR A 83 -6.97 -17.79 -2.11
N ILE A 84 -6.05 -16.87 -1.91
CA ILE A 84 -5.75 -15.91 -2.96
C ILE A 84 -4.25 -16.06 -3.08
N ILE A 85 -3.76 -16.46 -4.25
CA ILE A 85 -2.32 -16.65 -4.44
C ILE A 85 -1.75 -15.50 -5.23
N THR A 86 -0.64 -14.95 -4.74
CA THR A 86 -0.06 -13.82 -5.43
C THR A 86 1.43 -13.95 -5.59
N GLU A 87 1.99 -12.99 -6.31
CA GLU A 87 3.42 -12.85 -6.56
C GLU A 87 4.11 -12.78 -5.20
N TYR A 88 5.26 -13.44 -5.05
CA TYR A 88 5.97 -13.36 -3.78
C TYR A 88 7.06 -12.29 -3.72
N MET A 89 7.14 -11.54 -2.62
CA MET A 89 8.15 -10.52 -2.49
C MET A 89 9.09 -11.00 -1.37
N GLU A 90 10.30 -11.36 -1.77
CA GLU A 90 11.32 -11.85 -0.86
C GLU A 90 11.70 -11.06 0.34
N ASN A 91 11.66 -9.71 0.27
CA ASN A 91 12.06 -8.91 1.43
C ASN A 91 10.96 -8.32 2.28
N GLY A 92 9.76 -8.85 2.11
CA GLY A 92 8.63 -8.45 2.94
C GLY A 92 8.13 -7.03 2.87
N SER A 93 7.53 -6.56 3.95
CA SER A 93 6.99 -5.22 3.99
C SER A 93 8.08 -4.18 4.12
N LEU A 94 7.88 -3.04 3.46
CA LEU A 94 8.85 -1.95 3.51
C LEU A 94 9.12 -1.48 4.94
N VAL A 95 8.04 -1.29 5.70
CA VAL A 95 8.20 -0.83 7.06
C VAL A 95 9.12 -1.76 7.84
N ASP A 96 9.06 -3.06 7.56
CA ASP A 96 9.92 -4.01 8.27
C ASP A 96 11.33 -4.04 7.68
N PHE A 97 11.42 -4.07 6.35
CA PHE A 97 12.70 -4.12 5.67
C PHE A 97 13.66 -3.00 6.03
N LEU A 98 13.13 -1.79 6.16
CA LEU A 98 13.94 -0.62 6.47
C LEU A 98 14.60 -0.71 7.84
N LYS A 99 14.14 -1.66 8.64
CA LYS A 99 14.68 -1.85 9.99
C LYS A 99 15.75 -2.94 10.08
N THR A 100 15.90 -3.72 9.02
CA THR A 100 16.87 -4.80 8.98
C THR A 100 18.26 -4.21 8.72
N PRO A 101 19.34 -4.97 8.96
CA PRO A 101 20.71 -4.51 8.73
C PRO A 101 20.89 -3.97 7.30
N SER A 102 20.26 -4.62 6.31
CA SER A 102 20.33 -4.16 4.92
C SER A 102 19.56 -2.84 4.76
N GLY A 103 18.32 -2.82 5.25
CA GLY A 103 17.53 -1.61 5.14
C GLY A 103 18.20 -0.39 5.77
N ILE A 104 18.78 -0.58 6.94
CA ILE A 104 19.45 0.49 7.67
C ILE A 104 20.60 1.12 6.88
N LYS A 105 21.27 0.31 6.07
CA LYS A 105 22.40 0.80 5.31
C LYS A 105 22.07 1.52 4.03
N LEU A 106 20.81 1.48 3.62
CA LEU A 106 20.42 2.17 2.40
C LEU A 106 20.74 3.67 2.42
N THR A 107 21.20 4.15 1.27
CA THR A 107 21.54 5.55 1.07
C THR A 107 20.24 6.32 0.85
N ILE A 108 20.29 7.63 1.02
CA ILE A 108 19.11 8.44 0.78
C ILE A 108 18.74 8.26 -0.69
N ASN A 109 19.77 8.05 -1.52
CA ASN A 109 19.57 7.85 -2.95
C ASN A 109 18.62 6.70 -3.25
N LYS A 110 18.87 5.57 -2.60
CA LYS A 110 18.05 4.39 -2.78
C LYS A 110 16.66 4.56 -2.18
N LEU A 111 16.56 5.33 -1.10
CA LEU A 111 15.29 5.55 -0.45
C LEU A 111 14.40 6.35 -1.41
N LEU A 112 15.00 7.32 -2.10
CA LEU A 112 14.25 8.16 -3.04
C LEU A 112 13.84 7.33 -4.24
N ASP A 113 14.70 6.37 -4.58
CA ASP A 113 14.48 5.46 -5.68
C ASP A 113 13.24 4.66 -5.37
N MET A 114 13.16 4.13 -4.16
CA MET A 114 12.01 3.36 -3.73
C MET A 114 10.77 4.23 -3.68
N ALA A 115 10.91 5.47 -3.20
CA ALA A 115 9.79 6.39 -3.09
C ALA A 115 9.19 6.59 -4.47
N ALA A 116 10.04 6.82 -5.45
CA ALA A 116 9.57 7.02 -6.82
C ALA A 116 8.88 5.77 -7.34
N GLN A 117 9.42 4.60 -7.00
CA GLN A 117 8.83 3.36 -7.46
C GLN A 117 7.40 3.25 -6.97
N ILE A 118 7.18 3.68 -5.73
CA ILE A 118 5.87 3.62 -5.12
C ILE A 118 4.94 4.61 -5.80
N ALA A 119 5.46 5.80 -6.10
CA ALA A 119 4.66 6.83 -6.77
C ALA A 119 4.30 6.35 -8.17
N GLU A 120 5.20 5.60 -8.78
CA GLU A 120 4.97 5.07 -10.11
C GLU A 120 3.80 4.12 -10.10
N GLY A 121 3.75 3.28 -9.08
CA GLY A 121 2.67 2.34 -8.96
C GLY A 121 1.38 3.07 -8.77
N MET A 122 1.39 4.05 -7.87
CA MET A 122 0.20 4.83 -7.58
C MET A 122 -0.25 5.62 -8.80
N ALA A 123 0.69 5.98 -9.66
CA ALA A 123 0.38 6.73 -10.86
C ALA A 123 -0.48 5.87 -11.78
N PHE A 124 -0.23 4.56 -11.74
CA PHE A 124 -0.97 3.61 -12.56
C PHE A 124 -2.36 3.49 -12.01
N ILE A 125 -2.45 3.38 -10.68
CA ILE A 125 -3.72 3.25 -10.00
C ILE A 125 -4.54 4.50 -10.28
N GLU A 126 -3.86 5.64 -10.23
CA GLU A 126 -4.43 6.95 -10.48
C GLU A 126 -5.07 7.01 -11.86
N GLU A 127 -4.32 6.65 -12.88
CA GLU A 127 -4.77 6.68 -14.27
C GLU A 127 -5.91 5.70 -14.59
N ARG A 128 -6.00 4.61 -13.84
CA ARG A 128 -7.04 3.62 -14.08
C ARG A 128 -8.32 3.92 -13.31
N ASN A 129 -8.37 5.11 -12.72
CA ASN A 129 -9.53 5.57 -11.95
C ASN A 129 -9.82 4.78 -10.67
N TYR A 130 -8.76 4.28 -10.04
CA TYR A 130 -8.87 3.51 -8.79
C TYR A 130 -8.22 4.28 -7.66
N ILE A 131 -8.61 3.92 -6.43
CA ILE A 131 -8.03 4.52 -5.24
C ILE A 131 -7.62 3.33 -4.38
N HIS A 132 -6.62 3.54 -3.53
CA HIS A 132 -6.12 2.50 -2.66
C HIS A 132 -6.67 2.56 -1.21
N ARG A 133 -6.62 3.74 -0.62
CA ARG A 133 -7.14 3.96 0.72
C ARG A 133 -6.39 3.35 1.89
N ASP A 134 -5.36 2.56 1.62
CA ASP A 134 -4.58 1.97 2.70
C ASP A 134 -3.09 2.11 2.41
N LEU A 135 -2.72 3.21 1.77
CA LEU A 135 -1.34 3.45 1.38
C LEU A 135 -0.46 3.84 2.55
N ARG A 136 0.42 2.93 2.92
CA ARG A 136 1.35 3.10 4.02
C ARG A 136 2.51 2.13 3.82
N ALA A 137 3.64 2.41 4.44
CA ALA A 137 4.80 1.55 4.30
C ALA A 137 4.53 0.07 4.60
N ALA A 138 3.58 -0.21 5.49
CA ALA A 138 3.28 -1.59 5.85
C ALA A 138 2.66 -2.30 4.66
N ASN A 139 2.10 -1.52 3.74
CA ASN A 139 1.47 -2.11 2.58
C ASN A 139 2.26 -2.01 1.29
N ILE A 140 3.57 -1.83 1.44
CA ILE A 140 4.46 -1.78 0.30
C ILE A 140 5.35 -3.00 0.51
N LEU A 141 5.52 -3.83 -0.52
CA LEU A 141 6.34 -5.02 -0.40
C LEU A 141 7.65 -4.82 -1.15
N VAL A 142 8.71 -5.47 -0.67
CA VAL A 142 10.04 -5.33 -1.28
C VAL A 142 10.55 -6.63 -1.87
N SER A 143 11.06 -6.56 -3.10
CA SER A 143 11.58 -7.74 -3.80
C SER A 143 13.03 -8.08 -3.45
N ASP A 144 13.49 -9.22 -3.92
CA ASP A 144 14.85 -9.65 -3.65
C ASP A 144 15.84 -8.69 -4.30
N THR A 145 15.39 -7.92 -5.28
CA THR A 145 16.28 -6.98 -5.94
C THR A 145 16.08 -5.57 -5.43
N LEU A 146 15.39 -5.47 -4.29
CA LEU A 146 15.08 -4.19 -3.68
C LEU A 146 14.22 -3.27 -4.52
N SER A 147 13.21 -3.84 -5.18
CA SER A 147 12.29 -3.05 -5.98
C SER A 147 11.02 -3.11 -5.13
N CYS A 148 10.16 -2.08 -5.23
CA CYS A 148 8.96 -2.00 -4.40
C CYS A 148 7.65 -2.15 -5.17
N LYS A 149 6.65 -2.76 -4.55
CA LYS A 149 5.34 -2.92 -5.19
C LYS A 149 4.21 -2.64 -4.21
N ILE A 150 3.11 -2.09 -4.74
CA ILE A 150 1.95 -1.79 -3.91
C ILE A 150 1.26 -3.11 -3.58
N ALA A 151 0.81 -3.25 -2.33
CA ALA A 151 0.12 -4.44 -1.90
C ALA A 151 -1.14 -4.09 -1.13
N ASP A 152 -1.84 -5.13 -0.67
CA ASP A 152 -3.05 -4.99 0.12
C ASP A 152 -4.07 -4.11 -0.59
N PHE A 153 -4.91 -4.72 -1.40
CA PHE A 153 -5.94 -3.97 -2.10
C PHE A 153 -7.32 -4.17 -1.48
N GLY A 154 -7.35 -4.54 -0.22
CA GLY A 154 -8.63 -4.72 0.44
C GLY A 154 -9.55 -3.52 0.44
N LEU A 155 -9.01 -2.32 0.60
CA LEU A 155 -9.83 -1.13 0.64
C LEU A 155 -9.87 -0.41 -0.68
N ALA A 156 -9.14 -0.91 -1.65
CA ALA A 156 -9.08 -0.29 -2.97
C ALA A 156 -10.46 -0.23 -3.63
N ARG A 157 -10.74 0.83 -4.38
CA ARG A 157 -12.04 0.96 -5.03
C ARG A 157 -11.92 1.64 -6.38
N LEU A 158 -12.80 1.24 -7.30
CA LEU A 158 -12.83 1.83 -8.64
C LEU A 158 -13.66 3.07 -8.47
N ILE A 159 -13.11 4.21 -8.86
CA ILE A 159 -13.79 5.48 -8.69
C ILE A 159 -14.51 5.83 -9.97
N GLU A 160 -15.84 5.75 -9.90
CA GLU A 160 -16.70 6.00 -11.04
C GLU A 160 -16.91 7.47 -11.25
N ASP A 161 -17.04 8.19 -10.14
CA ASP A 161 -17.16 9.63 -10.16
C ASP A 161 -15.94 10.08 -9.33
N ASN A 162 -15.63 11.36 -9.38
CA ASN A 162 -14.48 11.87 -8.64
C ASN A 162 -14.18 11.21 -7.27
N GLU A 163 -15.19 11.01 -6.43
CA GLU A 163 -14.90 10.43 -5.10
C GLU A 163 -15.72 9.25 -4.58
N TYR A 164 -15.19 8.63 -3.53
CA TYR A 164 -15.84 7.50 -2.90
C TYR A 164 -16.12 7.91 -1.47
N THR A 165 -17.33 7.61 -1.01
CA THR A 165 -17.76 7.94 0.34
C THR A 165 -17.91 6.69 1.15
N ALA A 166 -17.14 6.59 2.22
CA ALA A 166 -17.18 5.41 3.09
C ALA A 166 -18.47 5.36 3.93
N ARG A 167 -18.46 4.45 4.90
CA ARG A 167 -19.60 4.27 5.81
C ARG A 167 -19.36 5.11 7.06
N GLU A 168 -20.35 5.88 7.46
CA GLU A 168 -20.22 6.72 8.67
C GLU A 168 -19.47 6.03 9.83
N GLY A 169 -19.63 4.72 9.97
CA GLY A 169 -18.95 4.05 11.05
C GLY A 169 -17.55 3.59 10.69
N ALA A 170 -17.26 3.57 9.40
CA ALA A 170 -15.94 3.13 8.96
C ALA A 170 -14.86 3.95 9.68
N LYS A 171 -13.79 3.31 10.13
CA LYS A 171 -12.68 4.01 10.80
C LYS A 171 -11.38 3.75 10.07
N PHE A 172 -10.50 4.75 10.06
CA PHE A 172 -9.22 4.59 9.37
C PHE A 172 -8.08 5.10 10.22
N PRO A 173 -6.86 4.64 9.92
CA PRO A 173 -5.68 5.08 10.68
C PRO A 173 -5.62 6.59 10.60
N ILE A 174 -5.80 7.28 11.71
CA ILE A 174 -5.82 8.72 11.72
C ILE A 174 -4.57 9.34 11.13
N LYS A 175 -3.41 8.86 11.57
CA LYS A 175 -2.12 9.46 11.11
C LYS A 175 -1.79 9.42 9.64
N TRP A 176 -2.35 8.47 8.89
CA TRP A 176 -2.06 8.33 7.46
C TRP A 176 -3.18 8.83 6.58
N THR A 177 -4.34 9.09 7.17
CA THR A 177 -5.51 9.50 6.41
C THR A 177 -5.74 11.01 6.23
N ALA A 178 -6.12 11.40 5.03
CA ALA A 178 -6.34 12.81 4.71
C ALA A 178 -7.50 13.37 5.52
N PRO A 179 -7.42 14.66 5.86
CA PRO A 179 -8.47 15.32 6.63
C PRO A 179 -9.90 15.08 6.10
N GLU A 180 -10.12 15.40 4.82
CA GLU A 180 -11.43 15.20 4.23
C GLU A 180 -11.93 13.78 4.42
N ALA A 181 -11.04 12.79 4.43
CA ALA A 181 -11.49 11.42 4.63
C ALA A 181 -11.85 11.23 6.09
N ILE A 182 -11.02 11.74 6.99
CA ILE A 182 -11.28 11.60 8.41
C ILE A 182 -12.58 12.31 8.79
N ASN A 183 -12.78 13.48 8.22
CA ASN A 183 -13.95 14.26 8.56
C ASN A 183 -15.25 14.01 7.80
N TYR A 184 -15.17 13.61 6.52
CA TYR A 184 -16.37 13.41 5.72
C TYR A 184 -16.50 11.99 5.21
N GLY A 185 -15.43 11.21 5.27
CA GLY A 185 -15.54 9.85 4.78
C GLY A 185 -15.39 9.86 3.29
N THR A 186 -14.96 11.00 2.76
CA THR A 186 -14.77 11.13 1.31
C THR A 186 -13.32 10.84 0.91
N PHE A 187 -13.14 9.85 0.03
CA PHE A 187 -11.83 9.46 -0.50
C PHE A 187 -11.68 9.69 -2.01
N THR A 188 -10.53 10.22 -2.42
CA THR A 188 -10.24 10.44 -3.83
C THR A 188 -8.78 10.06 -3.97
N ILE A 189 -8.25 10.13 -5.18
CA ILE A 189 -6.86 9.77 -5.36
C ILE A 189 -6.03 10.78 -4.57
N LYS A 190 -6.60 11.96 -4.35
CA LYS A 190 -5.90 13.02 -3.61
C LYS A 190 -5.75 12.62 -2.15
N SER A 191 -6.62 11.73 -1.69
CA SER A 191 -6.51 11.26 -0.32
C SER A 191 -5.31 10.33 -0.23
N ASP A 192 -5.05 9.62 -1.32
CA ASP A 192 -3.93 8.69 -1.36
C ASP A 192 -2.66 9.51 -1.42
N VAL A 193 -2.71 10.62 -2.12
CA VAL A 193 -1.55 11.47 -2.20
C VAL A 193 -1.13 11.91 -0.80
N TRP A 194 -2.09 12.32 0.02
CA TRP A 194 -1.79 12.75 1.38
C TRP A 194 -1.11 11.59 2.10
N SER A 195 -1.65 10.39 1.94
CA SER A 195 -1.08 9.21 2.59
C SER A 195 0.34 8.99 2.11
N PHE A 196 0.58 9.22 0.83
CA PHE A 196 1.92 9.04 0.27
C PHE A 196 2.89 9.97 1.01
N GLY A 197 2.43 11.17 1.35
CA GLY A 197 3.27 12.12 2.06
C GLY A 197 3.72 11.53 3.39
N ILE A 198 2.78 10.95 4.13
CA ILE A 198 3.11 10.32 5.39
C ILE A 198 4.07 9.15 5.13
N LEU A 199 3.80 8.38 4.08
CA LEU A 199 4.65 7.22 3.77
C LEU A 199 6.09 7.66 3.57
N LEU A 200 6.26 8.83 2.94
CA LEU A 200 7.60 9.31 2.70
C LEU A 200 8.36 9.50 3.99
N THR A 201 7.68 9.89 5.05
CA THR A 201 8.33 10.10 6.33
C THR A 201 8.73 8.73 6.88
N GLU A 202 7.93 7.71 6.55
CA GLU A 202 8.22 6.36 7.01
C GLU A 202 9.49 5.88 6.36
N ILE A 203 9.68 6.27 5.10
CA ILE A 203 10.87 5.88 4.36
C ILE A 203 12.13 6.50 4.94
N VAL A 204 12.13 7.83 5.02
CA VAL A 204 13.29 8.55 5.51
C VAL A 204 13.68 8.31 6.98
N THR A 205 12.75 7.79 7.78
CA THR A 205 13.03 7.50 9.19
C THR A 205 13.17 6.00 9.41
N HIS A 206 13.32 5.28 8.31
CA HIS A 206 13.47 3.84 8.37
C HIS A 206 12.42 3.14 9.19
N GLY A 207 11.15 3.51 8.96
CA GLY A 207 10.01 2.88 9.63
C GLY A 207 9.41 3.48 10.89
N ARG A 208 9.81 4.69 11.23
CA ARG A 208 9.28 5.30 12.44
C ARG A 208 7.82 5.68 12.27
N ILE A 209 7.05 5.64 13.36
CA ILE A 209 5.63 6.01 13.37
C ILE A 209 5.54 7.51 13.17
N PRO A 210 4.70 7.95 12.23
CA PRO A 210 4.54 9.39 11.96
C PRO A 210 4.08 10.20 13.16
N TYR A 211 4.36 11.50 13.11
CA TYR A 211 3.97 12.39 14.20
C TYR A 211 4.52 11.88 15.53
N PRO A 212 5.85 11.77 15.62
CA PRO A 212 6.52 11.29 16.84
C PRO A 212 6.01 11.99 18.10
N GLY A 213 5.71 11.21 19.14
CA GLY A 213 5.26 11.77 20.41
C GLY A 213 3.89 12.42 20.43
N MET A 214 3.07 12.14 19.43
CA MET A 214 1.75 12.74 19.39
C MET A 214 0.64 11.71 19.26
N THR A 215 -0.44 11.96 19.97
CA THR A 215 -1.63 11.12 19.94
C THR A 215 -2.47 11.54 18.72
N ASN A 216 -3.47 10.75 18.37
CA ASN A 216 -4.31 11.10 17.23
C ASN A 216 -5.01 12.44 17.43
N PRO A 217 -5.54 12.66 18.64
CA PRO A 217 -6.22 13.91 18.92
C PRO A 217 -5.27 15.10 18.71
N GLU A 218 -4.01 14.95 19.14
CA GLU A 218 -3.04 16.01 19.00
C GLU A 218 -2.76 16.29 17.54
N VAL A 219 -2.72 15.23 16.74
CA VAL A 219 -2.44 15.35 15.30
C VAL A 219 -3.53 16.15 14.60
N ILE A 220 -4.76 15.82 14.92
CA ILE A 220 -5.89 16.53 14.33
C ILE A 220 -5.89 18.01 14.75
N GLN A 221 -5.60 18.27 16.02
CA GLN A 221 -5.61 19.62 16.52
C GLN A 221 -4.60 20.48 15.82
N ASN A 222 -3.41 19.94 15.75
CA ASN A 222 -2.30 20.62 15.08
C ASN A 222 -2.58 20.84 13.59
N LEU A 223 -3.12 19.82 12.92
CA LEU A 223 -3.40 19.97 11.51
C LEU A 223 -4.37 21.10 11.26
N GLU A 224 -5.37 21.19 12.12
CA GLU A 224 -6.36 22.24 12.00
C GLU A 224 -5.77 23.62 12.19
N ARG A 225 -4.62 23.69 12.83
CA ARG A 225 -3.98 24.97 13.04
C ARG A 225 -3.18 25.34 11.79
N GLY A 226 -3.00 24.37 10.90
CA GLY A 226 -2.24 24.59 9.68
C GLY A 226 -0.85 24.02 9.80
N TYR A 227 -0.54 23.44 10.96
CA TYR A 227 0.76 22.79 11.16
C TYR A 227 0.74 21.47 10.41
N ARG A 228 1.94 20.96 10.13
CA ARG A 228 2.10 19.68 9.45
C ARG A 228 3.19 18.96 10.22
N MET A 229 3.42 17.70 9.92
CA MET A 229 4.43 16.96 10.66
C MET A 229 5.77 17.69 10.68
N VAL A 230 6.40 17.68 11.85
CA VAL A 230 7.71 18.29 12.02
C VAL A 230 8.74 17.56 11.14
N ARG A 231 9.69 18.32 10.62
CA ARG A 231 10.74 17.74 9.78
C ARG A 231 11.37 16.54 10.47
N PRO A 232 11.32 15.36 9.84
CA PRO A 232 11.92 14.18 10.47
C PRO A 232 13.43 14.39 10.53
N ASP A 233 14.10 13.72 11.47
CA ASP A 233 15.55 13.83 11.59
C ASP A 233 16.20 13.41 10.28
N ASN A 234 17.24 14.16 9.91
CA ASN A 234 17.99 13.91 8.70
C ASN A 234 17.18 13.75 7.43
N CYS A 235 16.04 14.44 7.38
CA CYS A 235 15.21 14.41 6.18
C CYS A 235 15.65 15.53 5.22
N PRO A 236 16.06 15.17 4.01
CA PRO A 236 16.48 16.22 3.07
C PRO A 236 15.33 17.23 2.92
N GLU A 237 15.67 18.52 2.86
CA GLU A 237 14.66 19.56 2.75
C GLU A 237 13.81 19.48 1.49
N GLU A 238 14.40 19.10 0.37
CA GLU A 238 13.60 19.00 -0.84
C GLU A 238 12.51 17.95 -0.71
N LEU A 239 12.83 16.86 -0.03
CA LEU A 239 11.88 15.79 0.15
C LEU A 239 10.81 16.28 1.11
N TYR A 240 11.22 17.00 2.14
CA TYR A 240 10.25 17.53 3.09
C TYR A 240 9.25 18.43 2.37
N GLN A 241 9.75 19.29 1.49
CA GLN A 241 8.87 20.18 0.77
C GLN A 241 7.96 19.43 -0.17
N LEU A 242 8.41 18.29 -0.67
CA LEU A 242 7.58 17.49 -1.55
C LEU A 242 6.45 16.92 -0.66
N MET A 243 6.80 16.56 0.58
CA MET A 243 5.81 16.03 1.51
C MET A 243 4.76 17.09 1.76
N ARG A 244 5.21 18.32 1.93
CA ARG A 244 4.30 19.42 2.17
C ARG A 244 3.25 19.54 1.06
N LEU A 245 3.69 19.36 -0.19
CA LEU A 245 2.75 19.44 -1.30
C LEU A 245 1.65 18.43 -1.12
N CYS A 246 2.02 17.24 -0.67
CA CYS A 246 1.07 16.17 -0.46
C CYS A 246 0.08 16.51 0.64
N TRP A 247 0.46 17.41 1.54
CA TRP A 247 -0.40 17.77 2.66
C TRP A 247 -1.12 19.11 2.52
N LYS A 248 -1.28 19.58 1.28
CA LYS A 248 -1.98 20.84 1.10
C LYS A 248 -3.42 20.69 1.57
N GLU A 249 -3.98 21.79 2.08
CA GLU A 249 -5.35 21.78 2.59
C GLU A 249 -6.35 21.30 1.56
N ARG A 250 -6.39 21.98 0.42
CA ARG A 250 -7.29 21.59 -0.66
C ARG A 250 -6.84 20.33 -1.43
N PRO A 251 -7.70 19.30 -1.45
CA PRO A 251 -7.30 18.08 -2.17
C PRO A 251 -6.88 18.39 -3.60
N GLU A 252 -7.62 19.27 -4.27
CA GLU A 252 -7.31 19.62 -5.66
C GLU A 252 -5.96 20.32 -5.84
N ASP A 253 -5.41 20.85 -4.74
CA ASP A 253 -4.12 21.54 -4.79
C ASP A 253 -2.97 20.58 -4.64
N ARG A 254 -3.23 19.37 -4.19
CA ARG A 254 -2.20 18.36 -4.06
C ARG A 254 -1.79 17.88 -5.46
N PRO A 255 -0.51 17.51 -5.65
CA PRO A 255 -0.04 17.03 -6.95
C PRO A 255 -0.57 15.66 -7.32
N THR A 256 -0.33 15.30 -8.59
CA THR A 256 -0.72 14.00 -9.13
C THR A 256 0.38 13.05 -8.77
N PHE A 257 0.12 11.76 -8.90
CA PHE A 257 1.17 10.78 -8.61
C PHE A 257 2.22 10.76 -9.71
N ASP A 258 1.82 11.10 -10.93
CA ASP A 258 2.79 11.13 -12.01
C ASP A 258 3.79 12.26 -11.77
N TYR A 259 3.30 13.38 -11.23
CA TYR A 259 4.18 14.50 -10.90
C TYR A 259 5.13 14.04 -9.81
N LEU A 260 4.58 13.43 -8.76
CA LEU A 260 5.40 12.95 -7.67
C LEU A 260 6.49 12.01 -8.17
N ARG A 261 6.12 11.07 -9.04
CA ARG A 261 7.08 10.13 -9.62
C ARG A 261 8.18 10.87 -10.35
N SER A 262 7.80 11.81 -11.19
CA SER A 262 8.76 12.56 -11.96
C SER A 262 9.78 13.28 -11.08
N VAL A 263 9.30 13.96 -10.04
CA VAL A 263 10.17 14.69 -9.14
C VAL A 263 11.09 13.76 -8.37
N LEU A 264 10.53 12.68 -7.82
CA LEU A 264 11.33 11.74 -7.04
C LEU A 264 12.42 11.15 -7.92
N GLU A 265 12.10 10.89 -9.18
CA GLU A 265 13.08 10.34 -10.11
C GLU A 265 14.25 11.33 -10.30
N ASP A 266 13.93 12.61 -10.38
CA ASP A 266 14.99 13.62 -10.50
C ASP A 266 15.82 13.67 -9.22
N PHE A 267 15.16 13.58 -8.07
CA PHE A 267 15.86 13.60 -6.79
C PHE A 267 16.84 12.44 -6.75
N PHE A 268 16.38 11.31 -7.26
CA PHE A 268 17.18 10.09 -7.32
C PHE A 268 18.38 10.20 -8.28
N THR A 269 18.13 10.58 -9.53
CA THR A 269 19.21 10.67 -10.50
C THR A 269 20.17 11.80 -10.14
N ALA A 270 19.83 12.61 -9.14
CA ALA A 270 20.71 13.71 -8.73
C ALA A 270 21.65 13.22 -7.62
N THR A 271 21.07 12.50 -6.68
CA THR A 271 21.86 11.95 -5.59
C THR A 271 22.59 10.66 -6.02
C1 979 B . 3.77 -11.26 -0.73
N2 979 B . 4.94 -11.56 -0.17
C3 979 B . 5.15 -11.44 1.19
C4 979 B . 4.12 -11.06 2.07
C5 979 B . 2.85 -10.78 1.40
N6 979 B . 2.75 -10.90 0.07
O8 979 B . 6.29 -11.71 1.87
C9 979 B . 6.04 -11.48 3.20
C10 979 B . 4.58 -11.04 3.39
N11 979 B . 1.71 -10.39 2.04
C12 979 B . 1.45 -8.98 2.23
C13 979 B . 0.33 -8.79 3.28
N16 979 B . 0.03 -7.36 3.64
C33 979 B . 3.83 -10.66 4.65
C34 979 B . 4.34 -9.62 5.52
C35 979 B . 3.66 -9.31 6.73
C36 979 B . 2.49 -10.07 7.10
C37 979 B . 1.97 -11.11 6.24
C38 979 B . 2.64 -11.42 5.03
C44 979 B . 7.10 -11.68 4.25
C45 979 B . 8.49 -11.67 3.83
C46 979 B . 9.52 -11.85 4.82
C47 979 B . 9.15 -12.04 6.22
C48 979 B . 7.79 -12.06 6.64
C49 979 B . 6.77 -11.87 5.64
C2 979 B . -1.07 -7.32 4.68
C7 979 B . 1.27 -6.58 4.07
C11 979 B . -0.52 -7.75 6.10
C15 979 B . 1.71 -6.80 5.55
N1 979 B . 0.60 -6.86 6.54
#